data_6FRW
#
_entry.id   6FRW
#
_cell.length_a   128.493
_cell.length_b   128.493
_cell.length_c   58.945
_cell.angle_alpha   90.000
_cell.angle_beta   90.000
_cell.angle_gamma   90.000
#
_symmetry.space_group_name_H-M   'P 41 21 2'
#
loop_
_entity.id
_entity.type
_entity.pdbx_description
1 polymer 'Levansucrase (Beta-D-fructofuranosyl transferase)'
2 non-polymer GLYCEROL
3 non-polymer 'ZINC ION'
4 water water
#
_entity_poly.entity_id   1
_entity_poly.type   'polypeptide(L)'
_entity_poly.pdbx_seq_one_letter_code
;NYKPTPWTRADALKVHSDDPTTTQPLVDVAFPVMSEEVFIWDTMPLRDFDGDIVSVNGWCVIFTLTADRNTNNPDFQDEN
GNYDIKRDWEDRHGRARICYWYSRTGKDWIFGGRVMAEGVSPTTREWAGTPILLNDEGDIDLYYTCVTPGATIAKVRGKI
VTSDEGVSLEGFQHVKSLFSADGKIYQTEEQNAYWNFRDPSPFIDKNDGKLYMLFEGNVAGSRGTHEITQEDMGSVPPGY
ENVGGARYQVGCIGLAVAKDLSGDEWEILPPLITAVGVNDQTERPHFVFQEGKYYLFTISHKYTFADNLTGPDGVYGFVS
NQLTGPYTPMNSSGLVLGNPSSQPFQTYSHYVMPNGLVTSFIDSVPWEGEKFRIGGTEAPTVKILLKGDRSFVVDSFDYG
YIPAMKDIILK
;
_entity_poly.pdbx_strand_id   A
#
loop_
_chem_comp.id
_chem_comp.type
_chem_comp.name
_chem_comp.formula
GOL non-polymer GLYCEROL 'C3 H8 O3'
ZN non-polymer 'ZINC ION' 'Zn 2'
#
# COMPACT_ATOMS: atom_id res chain seq x y z
N ASN A 1 14.36 -9.05 -21.98
CA ASN A 1 14.65 -7.68 -21.57
C ASN A 1 15.38 -7.59 -20.23
N TYR A 2 14.77 -8.09 -19.15
CA TYR A 2 15.39 -8.05 -17.83
C TYR A 2 14.83 -9.19 -17.00
N LYS A 3 15.52 -9.49 -15.90
CA LYS A 3 15.07 -10.56 -15.01
C LYS A 3 14.59 -9.99 -13.68
N PRO A 4 13.50 -10.52 -13.12
CA PRO A 4 13.11 -10.09 -11.77
C PRO A 4 14.23 -10.39 -10.77
N THR A 5 14.29 -9.57 -9.71
CA THR A 5 15.20 -9.82 -8.60
C THR A 5 14.48 -10.63 -7.54
N PRO A 6 14.93 -11.82 -7.20
CA PRO A 6 14.31 -12.54 -6.07
C PRO A 6 14.71 -11.96 -4.73
N TRP A 7 13.70 -11.80 -3.87
CA TRP A 7 13.88 -11.66 -2.44
C TRP A 7 13.98 -13.07 -1.88
N THR A 8 15.18 -13.48 -1.46
CA THR A 8 15.47 -14.90 -1.25
C THR A 8 15.18 -15.33 0.18
N ARG A 9 15.14 -16.65 0.39
CA ARG A 9 15.00 -17.16 1.75
C ARG A 9 16.19 -16.73 2.61
N ALA A 10 17.39 -16.68 2.03
CA ALA A 10 18.56 -16.22 2.77
C ALA A 10 18.40 -14.76 3.21
N ASP A 11 17.87 -13.91 2.33
CA ASP A 11 17.56 -12.54 2.74
C ASP A 11 16.61 -12.53 3.92
N ALA A 12 15.51 -13.28 3.80
CA ALA A 12 14.48 -13.27 4.83
C ALA A 12 15.00 -13.78 6.16
N LEU A 13 15.98 -14.68 6.15
CA LEU A 13 16.54 -15.17 7.40
C LEU A 13 17.26 -14.06 8.17
N LYS A 14 17.62 -12.95 7.52
CA LYS A 14 18.20 -11.80 8.18
C LYS A 14 17.17 -10.87 8.82
N VAL A 15 15.87 -11.09 8.58
CA VAL A 15 14.87 -10.17 9.11
C VAL A 15 14.92 -10.20 10.64
N HIS A 16 14.96 -9.02 11.25
CA HIS A 16 15.07 -8.90 12.70
C HIS A 16 13.96 -7.99 13.21
N SER A 17 13.07 -8.54 14.03
CA SER A 17 12.07 -7.74 14.71
C SER A 17 12.68 -6.97 15.88
N ASP A 18 12.09 -5.81 16.17
CA ASP A 18 12.45 -4.98 17.33
C ASP A 18 13.87 -4.41 17.23
N ASP A 19 14.36 -4.23 16.01
CA ASP A 19 15.50 -3.36 15.75
C ASP A 19 14.99 -1.93 15.85
N PRO A 20 15.45 -1.14 16.81
CA PRO A 20 14.82 0.18 17.02
C PRO A 20 15.03 1.14 15.88
N THR A 21 16.04 0.93 15.03
CA THR A 21 16.21 1.75 13.84
C THR A 21 15.19 1.42 12.75
N THR A 22 14.49 0.28 12.86
CA THR A 22 13.53 -0.15 11.85
C THR A 22 12.23 -0.65 12.49
N THR A 23 11.82 -0.06 13.62
CA THR A 23 10.60 -0.45 14.32
C THR A 23 9.75 0.78 14.58
N GLN A 24 8.46 0.64 14.32
CA GLN A 24 7.52 1.71 14.58
C GLN A 24 7.35 1.92 16.07
N PRO A 25 7.35 3.16 16.57
CA PRO A 25 7.06 3.38 17.99
C PRO A 25 5.73 2.78 18.39
N LEU A 26 5.64 2.42 19.68
CA LEU A 26 4.43 1.83 20.21
C LEU A 26 3.25 2.80 20.12
N VAL A 27 2.13 2.31 19.59
CA VAL A 27 0.88 3.07 19.56
C VAL A 27 0.28 3.09 20.96
N ASP A 28 -0.13 4.28 21.38
CA ASP A 28 -0.88 4.44 22.62
C ASP A 28 -2.17 3.63 22.56
N VAL A 29 -2.37 2.73 23.55
CA VAL A 29 -3.58 1.92 23.54
C VAL A 29 -4.81 2.81 23.66
N ALA A 30 -4.67 4.00 24.24
CA ALA A 30 -5.75 4.97 24.33
C ALA A 30 -5.75 5.96 23.17
N PHE A 31 -5.31 5.53 21.98
CA PHE A 31 -5.26 6.38 20.80
C PHE A 31 -6.62 7.03 20.53
N PRO A 32 -6.64 8.25 20.00
CA PRO A 32 -7.90 8.87 19.58
C PRO A 32 -8.34 8.34 18.21
N VAL A 33 -9.62 8.54 17.91
CA VAL A 33 -10.18 8.12 16.63
CA VAL A 33 -10.21 8.11 16.65
C VAL A 33 -10.68 9.36 15.90
N MET A 34 -10.39 9.41 14.60
CA MET A 34 -10.71 10.59 13.82
C MET A 34 -12.18 10.70 13.48
N SER A 35 -12.93 9.59 13.51
CA SER A 35 -14.35 9.63 13.23
C SER A 35 -15.09 8.57 14.04
N GLU A 36 -16.20 8.98 14.66
CA GLU A 36 -17.10 8.03 15.30
C GLU A 36 -18.11 7.44 14.32
N GLU A 37 -18.12 7.89 13.07
CA GLU A 37 -19.07 7.43 12.07
C GLU A 37 -18.49 6.47 11.04
N VAL A 38 -17.21 6.57 10.70
CA VAL A 38 -16.63 5.72 9.66
C VAL A 38 -15.33 5.13 10.16
N PHE A 39 -15.02 3.94 9.65
CA PHE A 39 -13.67 3.39 9.67
C PHE A 39 -12.90 3.88 8.45
N ILE A 40 -11.59 4.09 8.62
CA ILE A 40 -10.68 4.19 7.48
C ILE A 40 -9.56 3.19 7.69
N TRP A 41 -8.92 2.79 6.59
CA TRP A 41 -7.67 2.08 6.72
C TRP A 41 -6.69 2.56 5.63
N ASP A 42 -6.45 1.80 4.55
CA ASP A 42 -5.49 2.22 3.54
C ASP A 42 -5.67 3.69 3.17
N THR A 43 -4.62 4.48 3.30
CA THR A 43 -4.70 5.88 3.00
C THR A 43 -3.75 6.25 1.84
N MET A 44 -4.28 6.99 0.87
CA MET A 44 -3.57 7.31 -0.33
C MET A 44 -3.46 8.82 -0.52
N PRO A 45 -2.31 9.41 -0.19
CA PRO A 45 -2.19 10.86 -0.36
C PRO A 45 -2.14 11.26 -1.84
N LEU A 46 -2.67 12.44 -2.12
CA LEU A 46 -2.64 12.98 -3.48
C LEU A 46 -1.21 13.29 -3.86
N ARG A 47 -0.78 12.83 -5.03
CA ARG A 47 0.60 13.07 -5.44
CA ARG A 47 0.60 12.95 -5.45
C ARG A 47 0.66 13.19 -6.95
N ASP A 48 1.86 13.55 -7.43
CA ASP A 48 2.12 13.68 -8.85
C ASP A 48 2.84 12.43 -9.36
N PHE A 49 3.23 12.46 -10.64
CA PHE A 49 3.69 11.23 -11.28
C PHE A 49 5.08 10.77 -10.82
N ASP A 50 5.78 11.50 -9.96
CA ASP A 50 7.05 11.03 -9.43
C ASP A 50 6.99 10.60 -7.98
N GLY A 51 5.95 10.97 -7.24
CA GLY A 51 5.85 10.56 -5.86
C GLY A 51 5.59 11.71 -4.90
N ASP A 52 5.93 12.92 -5.33
CA ASP A 52 5.73 14.10 -4.50
C ASP A 52 4.28 14.21 -4.03
N ILE A 53 4.12 14.39 -2.73
CA ILE A 53 2.79 14.71 -2.18
C ILE A 53 2.48 16.17 -2.49
N VAL A 54 1.30 16.42 -3.05
CA VAL A 54 0.96 17.75 -3.52
C VAL A 54 -0.32 18.22 -2.84
N SER A 55 -0.31 19.47 -2.39
CA SER A 55 -1.52 20.18 -2.00
C SER A 55 -2.00 21.04 -3.16
N VAL A 56 -3.25 21.47 -3.08
CA VAL A 56 -3.86 22.28 -4.13
CA VAL A 56 -3.90 22.26 -4.13
C VAL A 56 -4.45 23.53 -3.50
N ASN A 57 -3.93 24.69 -3.93
CA ASN A 57 -4.34 25.98 -3.37
C ASN A 57 -4.26 25.96 -1.85
N GLY A 58 -3.25 25.27 -1.33
CA GLY A 58 -3.00 25.21 0.09
C GLY A 58 -3.74 24.13 0.85
N TRP A 59 -4.49 23.27 0.15
CA TRP A 59 -5.27 22.20 0.77
C TRP A 59 -4.60 20.86 0.54
N CYS A 60 -4.18 20.21 1.61
CA CYS A 60 -3.73 18.82 1.52
C CYS A 60 -4.94 17.91 1.37
N VAL A 61 -4.73 16.78 0.69
CA VAL A 61 -5.83 15.88 0.35
C VAL A 61 -5.35 14.45 0.51
N ILE A 62 -6.16 13.63 1.17
CA ILE A 62 -5.94 12.19 1.26
C ILE A 62 -7.20 11.46 0.80
N PHE A 63 -7.00 10.32 0.16
CA PHE A 63 -8.06 9.38 -0.18
C PHE A 63 -7.94 8.18 0.75
N THR A 64 -9.07 7.66 1.23
CA THR A 64 -9.05 6.54 2.16
C THR A 64 -9.99 5.43 1.73
N LEU A 65 -9.58 4.19 1.96
CA LEU A 65 -10.59 3.13 2.03
C LEU A 65 -11.40 3.35 3.29
N THR A 66 -12.73 3.23 3.15
CA THR A 66 -13.67 3.76 4.12
C THR A 66 -14.86 2.82 4.23
N ALA A 67 -15.40 2.68 5.44
CA ALA A 67 -16.64 1.94 5.66
C ALA A 67 -17.36 2.55 6.85
N ASP A 68 -18.68 2.34 6.91
CA ASP A 68 -19.45 2.84 8.04
C ASP A 68 -19.16 2.03 9.30
N ARG A 69 -19.11 2.72 10.44
CA ARG A 69 -19.17 2.06 11.73
C ARG A 69 -20.63 1.71 12.01
N ASN A 70 -20.89 0.44 12.28
CA ASN A 70 -22.25 -0.07 12.44
C ASN A 70 -22.64 -0.15 13.92
N THR A 71 -22.26 0.89 14.66
CA THR A 71 -22.42 0.91 16.11
C THR A 71 -23.86 0.63 16.53
N ASN A 72 -24.82 1.20 15.79
CA ASN A 72 -26.24 1.09 16.15
C ASN A 72 -27.02 0.25 15.15
N ASN A 73 -26.33 -0.58 14.37
CA ASN A 73 -26.99 -1.43 13.39
C ASN A 73 -27.25 -2.80 14.00
N PRO A 74 -28.51 -3.24 14.13
CA PRO A 74 -28.75 -4.55 14.76
C PRO A 74 -28.12 -5.71 14.01
N ASP A 75 -27.85 -5.55 12.71
CA ASP A 75 -27.18 -6.61 11.96
C ASP A 75 -25.76 -6.87 12.46
N PHE A 76 -25.20 -5.96 13.25
CA PHE A 76 -23.86 -6.12 13.79
C PHE A 76 -23.88 -6.20 15.32
N GLN A 77 -25.00 -6.68 15.88
CA GLN A 77 -25.10 -6.98 17.29
C GLN A 77 -24.84 -8.45 17.54
N ASP A 78 -24.28 -8.75 18.71
CA ASP A 78 -24.09 -10.14 19.12
C ASP A 78 -25.43 -10.72 19.56
N GLU A 79 -25.39 -11.87 20.25
CA GLU A 79 -26.63 -12.51 20.67
C GLU A 79 -27.32 -11.71 21.77
N ASN A 80 -26.53 -11.16 22.71
CA ASN A 80 -27.08 -10.27 23.72
C ASN A 80 -27.70 -9.02 23.10
N GLY A 81 -27.36 -8.70 21.86
CA GLY A 81 -27.77 -7.45 21.26
C GLY A 81 -26.76 -6.34 21.41
N ASN A 82 -25.50 -6.66 21.64
CA ASN A 82 -24.45 -5.66 21.84
C ASN A 82 -23.58 -5.55 20.61
N TYR A 83 -23.27 -4.32 20.23
CA TYR A 83 -22.40 -4.05 19.08
C TYR A 83 -21.13 -4.88 19.13
N ASP A 84 -20.86 -5.60 18.04
CA ASP A 84 -19.69 -6.46 17.89
C ASP A 84 -18.72 -5.76 16.94
N ILE A 85 -17.83 -4.95 17.50
CA ILE A 85 -16.93 -4.14 16.66
C ILE A 85 -15.95 -5.02 15.89
N LYS A 86 -15.52 -6.13 16.47
CA LYS A 86 -14.60 -7.02 15.77
C LYS A 86 -15.23 -7.55 14.48
N ARG A 87 -16.49 -8.02 14.56
CA ARG A 87 -17.16 -8.50 13.37
C ARG A 87 -17.34 -7.38 12.36
N ASP A 88 -17.70 -6.19 12.84
CA ASP A 88 -17.88 -5.04 11.97
C ASP A 88 -16.57 -4.70 11.26
N TRP A 89 -15.49 -4.57 12.02
CA TRP A 89 -14.19 -4.19 11.47
C TRP A 89 -13.67 -5.22 10.48
N GLU A 90 -13.83 -6.51 10.80
CA GLU A 90 -13.32 -7.57 9.93
C GLU A 90 -14.17 -7.79 8.69
N ASP A 91 -15.38 -7.24 8.65
CA ASP A 91 -16.23 -7.27 7.46
C ASP A 91 -16.01 -6.06 6.56
N ARG A 92 -15.07 -5.17 6.90
CA ARG A 92 -14.95 -3.91 6.18
C ARG A 92 -14.55 -4.12 4.72
N HIS A 93 -13.82 -5.19 4.42
CA HIS A 93 -13.26 -5.35 3.08
C HIS A 93 -14.36 -5.47 2.03
N GLY A 94 -15.47 -6.10 2.39
CA GLY A 94 -16.60 -6.18 1.48
C GLY A 94 -17.45 -4.93 1.42
N ARG A 95 -17.13 -3.92 2.22
CA ARG A 95 -17.85 -2.65 2.23
C ARG A 95 -16.97 -1.48 1.83
N ALA A 96 -15.76 -1.73 1.34
CA ALA A 96 -14.80 -0.67 1.10
C ALA A 96 -15.29 0.31 0.03
N ARG A 97 -15.25 1.59 0.35
CA ARG A 97 -15.49 2.68 -0.59
C ARG A 97 -14.41 3.73 -0.43
N ILE A 98 -14.04 4.40 -1.53
CA ILE A 98 -12.97 5.39 -1.49
C ILE A 98 -13.59 6.76 -1.22
N CYS A 99 -13.14 7.41 -0.14
CA CYS A 99 -13.54 8.74 0.26
C CYS A 99 -12.32 9.65 0.29
N TYR A 100 -12.57 10.95 0.39
CA TYR A 100 -11.50 11.93 0.49
C TYR A 100 -11.66 12.80 1.73
N TRP A 101 -10.53 13.32 2.20
CA TRP A 101 -10.46 14.22 3.32
C TRP A 101 -9.51 15.34 2.93
N TYR A 102 -9.62 16.48 3.61
CA TYR A 102 -8.75 17.61 3.30
C TYR A 102 -8.40 18.37 4.56
N SER A 103 -7.33 19.15 4.46
CA SER A 103 -6.81 19.93 5.57
C SER A 103 -5.72 20.85 5.06
N ARG A 104 -5.67 22.07 5.61
CA ARG A 104 -4.59 22.97 5.25
C ARG A 104 -3.32 22.72 6.05
N THR A 105 -3.38 21.87 7.09
CA THR A 105 -2.24 21.62 7.95
C THR A 105 -1.63 20.23 7.77
N GLY A 106 -2.26 19.37 6.98
CA GLY A 106 -1.82 17.99 6.88
C GLY A 106 -2.26 17.11 8.02
N LYS A 107 -3.10 17.62 8.92
CA LYS A 107 -3.66 16.83 10.00
C LYS A 107 -5.03 17.39 10.35
N ASP A 108 -5.68 16.77 11.34
CA ASP A 108 -7.03 17.17 11.75
C ASP A 108 -7.95 17.22 10.54
N TRP A 109 -8.00 16.07 9.86
CA TRP A 109 -8.61 15.99 8.54
C TRP A 109 -10.11 16.24 8.59
N ILE A 110 -10.60 16.96 7.59
CA ILE A 110 -12.02 17.24 7.40
C ILE A 110 -12.56 16.25 6.37
N PHE A 111 -13.67 15.62 6.69
CA PHE A 111 -14.26 14.60 5.83
C PHE A 111 -14.95 15.22 4.63
N GLY A 112 -14.63 14.71 3.45
CA GLY A 112 -15.21 15.23 2.22
C GLY A 112 -16.26 14.33 1.59
N GLY A 113 -16.27 13.05 1.94
CA GLY A 113 -17.24 12.12 1.40
C GLY A 113 -16.67 11.24 0.30
N ARG A 114 -17.60 10.67 -0.47
CA ARG A 114 -17.26 9.73 -1.52
C ARG A 114 -16.59 10.41 -2.71
N VAL A 115 -15.59 9.74 -3.28
CA VAL A 115 -15.03 10.19 -4.55
C VAL A 115 -16.00 9.92 -5.68
N MET A 116 -16.49 8.68 -5.77
CA MET A 116 -17.44 8.24 -6.78
C MET A 116 -18.81 8.08 -6.14
N ALA A 117 -19.86 8.46 -6.89
CA ALA A 117 -21.21 8.14 -6.44
C ALA A 117 -21.42 6.63 -6.47
N GLU A 118 -22.25 6.13 -5.55
CA GLU A 118 -22.50 4.70 -5.51
C GLU A 118 -23.06 4.23 -6.84
N GLY A 119 -22.50 3.14 -7.35
CA GLY A 119 -22.86 2.60 -8.65
C GLY A 119 -21.86 2.88 -9.76
N VAL A 120 -21.01 3.91 -9.62
CA VAL A 120 -20.05 4.23 -10.67
C VAL A 120 -19.02 3.11 -10.80
N SER A 121 -18.57 2.56 -9.69
CA SER A 121 -17.52 1.54 -9.74
C SER A 121 -18.08 0.24 -10.32
N PRO A 122 -17.43 -0.37 -11.31
CA PRO A 122 -17.94 -1.64 -11.83
C PRO A 122 -18.19 -2.69 -10.76
N THR A 123 -17.33 -2.74 -9.74
CA THR A 123 -17.54 -3.59 -8.58
C THR A 123 -17.97 -2.73 -7.40
N THR A 124 -18.79 -3.30 -6.52
CA THR A 124 -19.22 -2.54 -5.35
C THR A 124 -18.02 -2.23 -4.46
N ARG A 125 -17.11 -3.17 -4.32
CA ARG A 125 -15.87 -2.95 -3.59
C ARG A 125 -14.97 -2.01 -4.36
N GLU A 126 -14.44 -1.00 -3.67
CA GLU A 126 -13.47 -0.06 -4.21
C GLU A 126 -12.20 -0.23 -3.38
N TRP A 127 -11.21 -0.96 -3.91
CA TRP A 127 -9.98 -1.22 -3.17
C TRP A 127 -8.86 -0.28 -3.65
N ALA A 128 -7.68 -0.46 -3.07
CA ALA A 128 -6.71 0.63 -3.02
C ALA A 128 -6.01 0.85 -4.35
N GLY A 129 -5.38 2.02 -4.45
CA GLY A 129 -4.59 2.43 -5.59
C GLY A 129 -3.88 3.73 -5.30
N THR A 130 -3.90 4.68 -6.25
CA THR A 130 -3.20 5.94 -6.13
C THR A 130 -3.96 7.07 -6.84
N PRO A 131 -4.22 8.20 -6.16
CA PRO A 131 -4.74 9.38 -6.85
C PRO A 131 -3.64 10.27 -7.37
N ILE A 132 -3.63 10.54 -8.69
CA ILE A 132 -2.58 11.33 -9.32
CA ILE A 132 -2.58 11.33 -9.32
C ILE A 132 -3.18 12.66 -9.76
N LEU A 133 -2.62 13.76 -9.26
CA LEU A 133 -2.94 15.07 -9.82
C LEU A 133 -2.24 15.22 -11.17
N LEU A 134 -3.03 15.36 -12.23
CA LEU A 134 -2.50 15.32 -13.59
C LEU A 134 -1.98 16.67 -14.06
N ASN A 135 -2.52 17.77 -13.56
CA ASN A 135 -2.18 19.09 -14.05
C ASN A 135 -2.68 20.14 -13.08
N ASP A 136 -2.36 21.39 -13.36
CA ASP A 136 -2.77 22.50 -12.50
C ASP A 136 -4.10 23.10 -12.93
N GLU A 137 -4.87 22.40 -13.77
CA GLU A 137 -6.29 22.67 -13.92
C GLU A 137 -7.13 21.82 -12.98
N GLY A 138 -6.50 20.96 -12.18
CA GLY A 138 -7.19 20.19 -11.17
C GLY A 138 -7.65 18.82 -11.59
N ASP A 139 -7.27 18.35 -12.78
CA ASP A 139 -7.68 17.02 -13.21
C ASP A 139 -6.92 15.95 -12.42
N ILE A 140 -7.63 14.89 -12.06
CA ILE A 140 -7.11 13.81 -11.23
C ILE A 140 -7.51 12.49 -11.87
N ASP A 141 -6.56 11.55 -11.97
CA ASP A 141 -6.87 10.17 -12.28
C ASP A 141 -6.71 9.37 -10.99
N LEU A 142 -7.81 8.78 -10.52
CA LEU A 142 -7.75 7.84 -9.41
C LEU A 142 -7.57 6.44 -10.01
N TYR A 143 -6.36 5.89 -9.87
CA TYR A 143 -6.12 4.49 -10.18
C TYR A 143 -6.50 3.67 -8.95
N TYR A 144 -7.29 2.62 -9.14
CA TYR A 144 -7.72 1.81 -8.01
C TYR A 144 -8.02 0.39 -8.49
N THR A 145 -8.49 -0.45 -7.57
CA THR A 145 -8.69 -1.87 -7.87
C THR A 145 -10.17 -2.22 -7.71
N CYS A 146 -10.73 -2.80 -8.77
CA CYS A 146 -12.10 -3.32 -8.75
C CYS A 146 -12.03 -4.81 -8.44
N VAL A 147 -12.70 -5.22 -7.36
CA VAL A 147 -12.55 -6.56 -6.79
C VAL A 147 -13.94 -7.18 -6.58
N THR A 148 -14.11 -8.41 -7.06
CA THR A 148 -15.25 -9.28 -6.81
C THR A 148 -16.45 -8.79 -7.60
N PRO A 149 -16.74 -9.35 -8.78
CA PRO A 149 -16.01 -10.46 -9.42
C PRO A 149 -14.62 -10.08 -9.92
N GLY A 150 -13.67 -11.01 -9.78
CA GLY A 150 -12.34 -10.83 -10.31
C GLY A 150 -11.53 -9.79 -9.56
N ALA A 151 -10.47 -9.33 -10.22
CA ALA A 151 -9.58 -8.29 -9.71
C ALA A 151 -9.01 -7.54 -10.91
N THR A 152 -9.35 -6.27 -11.03
CA THR A 152 -9.08 -5.48 -12.22
C THR A 152 -8.54 -4.13 -11.81
N ILE A 153 -7.40 -3.77 -12.36
CA ILE A 153 -6.84 -2.43 -12.15
C ILE A 153 -7.59 -1.47 -13.07
N ALA A 154 -8.05 -0.37 -12.52
CA ALA A 154 -8.89 0.57 -13.24
C ALA A 154 -8.49 1.99 -12.87
N LYS A 155 -9.03 2.96 -13.62
CA LYS A 155 -8.86 4.35 -13.27
C LYS A 155 -10.13 5.13 -13.60
N VAL A 156 -10.30 6.24 -12.90
CA VAL A 156 -11.45 7.11 -13.10
C VAL A 156 -10.96 8.56 -13.01
N ARG A 157 -11.32 9.38 -13.99
CA ARG A 157 -10.89 10.77 -14.05
C ARG A 157 -11.92 11.70 -13.43
N GLY A 158 -11.43 12.69 -12.69
CA GLY A 158 -12.27 13.71 -12.10
C GLY A 158 -11.51 15.00 -11.93
N LYS A 159 -12.04 15.90 -11.11
CA LYS A 159 -11.47 17.23 -10.94
C LYS A 159 -11.60 17.64 -9.47
N ILE A 160 -10.62 18.40 -9.00
CA ILE A 160 -10.66 18.99 -7.67
C ILE A 160 -10.90 20.49 -7.79
N VAL A 161 -11.81 20.99 -6.96
CA VAL A 161 -12.18 22.40 -6.88
CA VAL A 161 -12.07 22.42 -6.89
C VAL A 161 -11.99 22.85 -5.43
N THR A 162 -11.42 24.03 -5.22
CA THR A 162 -11.18 24.51 -3.86
C THR A 162 -11.88 25.85 -3.62
N SER A 163 -12.11 26.13 -2.35
CA SER A 163 -12.59 27.42 -1.87
C SER A 163 -11.86 27.75 -0.57
N ASP A 164 -12.14 28.93 -0.02
CA ASP A 164 -11.61 29.29 1.29
C ASP A 164 -12.12 28.35 2.38
N GLU A 165 -13.20 27.61 2.11
CA GLU A 165 -13.80 26.74 3.11
C GLU A 165 -13.36 25.29 3.01
N GLY A 166 -12.87 24.86 1.84
CA GLY A 166 -12.44 23.48 1.74
C GLY A 166 -12.29 23.04 0.29
N VAL A 167 -12.57 21.76 0.08
CA VAL A 167 -12.24 21.05 -1.15
C VAL A 167 -13.45 20.25 -1.59
N SER A 168 -13.67 20.20 -2.90
CA SER A 168 -14.73 19.39 -3.48
CA SER A 168 -14.72 19.38 -3.47
C SER A 168 -14.18 18.58 -4.65
N LEU A 169 -14.58 17.33 -4.73
CA LEU A 169 -14.24 16.47 -5.86
C LEU A 169 -15.49 16.27 -6.71
N GLU A 170 -15.31 16.36 -8.02
CA GLU A 170 -16.44 16.27 -8.93
C GLU A 170 -16.02 15.53 -10.19
N GLY A 171 -17.01 14.95 -10.87
CA GLY A 171 -16.81 14.42 -12.20
C GLY A 171 -16.24 13.02 -12.27
N PHE A 172 -16.04 12.34 -11.15
CA PHE A 172 -15.50 10.98 -11.14
C PHE A 172 -16.62 10.02 -11.50
N GLN A 173 -16.86 9.90 -12.82
CA GLN A 173 -18.07 9.29 -13.36
C GLN A 173 -17.83 8.07 -14.24
N HIS A 174 -16.63 7.91 -14.79
CA HIS A 174 -16.37 7.03 -15.94
C HIS A 174 -15.17 6.17 -15.56
N VAL A 175 -15.42 4.95 -15.08
CA VAL A 175 -14.32 4.05 -14.74
C VAL A 175 -13.85 3.33 -16.00
N LYS A 176 -12.54 3.39 -16.24
CA LYS A 176 -11.90 2.70 -17.35
C LYS A 176 -11.17 1.49 -16.78
N SER A 177 -11.60 0.30 -17.16
CA SER A 177 -10.90 -0.92 -16.74
C SER A 177 -9.66 -1.10 -17.59
N LEU A 178 -8.51 -1.26 -16.94
CA LEU A 178 -7.23 -1.30 -17.64
C LEU A 178 -6.74 -2.72 -17.88
N PHE A 179 -6.55 -3.52 -16.83
CA PHE A 179 -6.11 -4.90 -17.06
C PHE A 179 -6.27 -5.72 -15.79
N SER A 180 -6.32 -7.02 -15.97
CA SER A 180 -6.35 -8.02 -14.90
CA SER A 180 -6.34 -8.00 -14.90
C SER A 180 -5.15 -8.95 -15.05
N ALA A 181 -5.02 -9.91 -14.15
CA ALA A 181 -3.95 -10.89 -14.26
C ALA A 181 -4.05 -11.62 -15.58
N ASP A 182 -2.89 -11.95 -16.16
CA ASP A 182 -2.81 -12.50 -17.50
C ASP A 182 -2.67 -14.01 -17.56
N GLY A 183 -2.00 -14.62 -16.57
CA GLY A 183 -1.86 -16.05 -16.51
C GLY A 183 -0.52 -16.58 -16.98
N LYS A 184 0.23 -15.79 -17.73
CA LYS A 184 1.57 -16.20 -18.14
CA LYS A 184 1.57 -16.18 -18.16
C LYS A 184 2.65 -15.57 -17.27
N ILE A 185 2.51 -14.29 -16.94
CA ILE A 185 3.41 -13.62 -16.00
C ILE A 185 2.82 -13.56 -14.60
N TYR A 186 1.58 -13.10 -14.49
CA TYR A 186 0.93 -12.93 -13.19
C TYR A 186 -0.21 -13.93 -13.02
N GLN A 187 -0.33 -14.45 -11.79
CA GLN A 187 -1.26 -15.53 -11.49
C GLN A 187 -2.71 -15.05 -11.54
N THR A 188 -3.58 -15.92 -12.04
CA THR A 188 -5.00 -15.64 -12.21
C THR A 188 -5.83 -16.35 -11.15
N GLU A 189 -7.11 -15.94 -11.09
CA GLU A 189 -8.07 -16.58 -10.20
C GLU A 189 -8.24 -18.05 -10.57
N GLU A 190 -8.19 -18.37 -11.87
CA GLU A 190 -8.33 -19.76 -12.28
C GLU A 190 -7.16 -20.60 -11.79
N GLN A 191 -5.97 -20.01 -11.74
CA GLN A 191 -4.81 -20.73 -11.23
C GLN A 191 -4.80 -20.83 -9.71
N ASN A 192 -5.45 -19.89 -9.03
CA ASN A 192 -5.40 -19.82 -7.57
C ASN A 192 -6.60 -19.00 -7.09
N ALA A 193 -7.54 -19.64 -6.41
CA ALA A 193 -8.73 -18.93 -5.95
C ALA A 193 -8.38 -17.81 -4.98
N TYR A 194 -7.19 -17.85 -4.39
CA TYR A 194 -6.73 -16.85 -3.43
C TYR A 194 -5.73 -15.88 -4.04
N TRP A 195 -5.73 -15.75 -5.36
CA TRP A 195 -4.70 -14.98 -6.03
C TRP A 195 -4.73 -13.52 -5.57
N ASN A 196 -3.54 -12.90 -5.59
CA ASN A 196 -3.36 -11.49 -5.27
C ASN A 196 -3.14 -10.70 -6.56
N PHE A 197 -3.93 -9.64 -6.73
CA PHE A 197 -3.74 -8.74 -7.87
C PHE A 197 -4.44 -7.42 -7.52
N ARG A 198 -3.67 -6.37 -7.23
CA ARG A 198 -4.26 -5.14 -6.72
C ARG A 198 -3.20 -4.05 -6.53
N ASP A 199 -3.66 -2.85 -6.24
N ASP A 199 -3.67 -2.85 -6.19
CA ASP A 199 -2.85 -1.75 -5.69
CA ASP A 199 -2.88 -1.73 -5.69
C ASP A 199 -1.97 -1.10 -6.75
C ASP A 199 -1.98 -1.14 -6.77
N PRO A 200 -2.55 -0.44 -7.74
CA PRO A 200 -1.72 0.23 -8.75
C PRO A 200 -1.05 1.48 -8.21
N SER A 201 0.21 1.66 -8.60
CA SER A 201 1.00 2.83 -8.23
C SER A 201 1.73 3.34 -9.48
N PRO A 202 1.12 4.25 -10.23
CA PRO A 202 1.75 4.75 -11.45
C PRO A 202 2.88 5.72 -11.17
N PHE A 203 3.81 5.80 -12.12
CA PHE A 203 4.92 6.75 -12.04
C PHE A 203 5.46 6.94 -13.45
N ILE A 204 6.09 8.09 -13.67
CA ILE A 204 6.83 8.35 -14.90
C ILE A 204 8.32 8.24 -14.58
N ASP A 205 9.05 7.55 -15.45
CA ASP A 205 10.50 7.46 -15.35
C ASP A 205 11.10 8.48 -16.31
N LYS A 206 11.80 9.48 -15.76
CA LYS A 206 12.37 10.52 -16.62
CA LYS A 206 12.36 10.51 -16.63
C LYS A 206 13.50 9.99 -17.49
N ASN A 207 14.06 8.83 -17.15
CA ASN A 207 15.17 8.30 -17.95
C ASN A 207 14.71 7.91 -19.35
N ASP A 208 13.53 7.31 -19.47
CA ASP A 208 12.98 7.03 -20.79
C ASP A 208 11.70 7.80 -21.08
N GLY A 209 11.20 8.58 -20.12
CA GLY A 209 10.01 9.39 -20.35
C GLY A 209 8.70 8.64 -20.37
N LYS A 210 8.69 7.36 -20.03
CA LYS A 210 7.50 6.54 -20.15
C LYS A 210 6.72 6.48 -18.84
N LEU A 211 5.44 6.20 -18.97
CA LEU A 211 4.52 6.04 -17.84
C LEU A 211 4.44 4.56 -17.52
N TYR A 212 4.73 4.22 -16.27
CA TYR A 212 4.74 2.86 -15.76
C TYR A 212 3.76 2.75 -14.58
N MET A 213 3.55 1.52 -14.11
N MET A 213 3.62 1.54 -14.07
CA MET A 213 2.85 1.35 -12.85
CA MET A 213 2.76 1.26 -12.92
C MET A 213 3.34 0.09 -12.17
C MET A 213 3.29 0.04 -12.17
N LEU A 214 3.47 0.18 -10.85
CA LEU A 214 3.67 -0.97 -9.98
C LEU A 214 2.32 -1.52 -9.56
N PHE A 215 2.31 -2.78 -9.18
CA PHE A 215 1.11 -3.39 -8.60
C PHE A 215 1.51 -4.68 -7.92
N GLU A 216 0.68 -5.11 -6.96
CA GLU A 216 0.87 -6.41 -6.34
C GLU A 216 0.35 -7.51 -7.25
N GLY A 217 1.18 -8.53 -7.49
CA GLY A 217 0.77 -9.71 -8.20
C GLY A 217 1.27 -10.97 -7.51
N ASN A 218 1.04 -12.11 -8.14
CA ASN A 218 1.65 -13.39 -7.79
C ASN A 218 2.30 -13.95 -9.05
N VAL A 219 3.36 -14.74 -8.86
CA VAL A 219 3.99 -15.39 -10.00
C VAL A 219 3.01 -16.39 -10.60
N ALA A 220 2.84 -16.32 -11.92
CA ALA A 220 1.85 -17.15 -12.60
C ALA A 220 2.15 -18.63 -12.39
N GLY A 221 1.08 -19.43 -12.36
CA GLY A 221 1.18 -20.88 -12.24
C GLY A 221 0.10 -21.42 -11.33
N SER A 222 -0.27 -22.68 -11.55
CA SER A 222 -1.29 -23.32 -10.73
C SER A 222 -0.84 -23.41 -9.28
N ARG A 223 -1.78 -23.12 -8.36
CA ARG A 223 -1.47 -23.11 -6.94
C ARG A 223 -0.79 -24.40 -6.50
N GLY A 224 0.33 -24.26 -5.79
CA GLY A 224 1.07 -25.39 -5.27
C GLY A 224 2.07 -26.03 -6.21
N THR A 225 2.16 -25.57 -7.47
CA THR A 225 3.02 -26.20 -8.45
C THR A 225 4.37 -25.50 -8.62
N HIS A 226 4.55 -24.30 -8.05
CA HIS A 226 5.77 -23.56 -8.31
C HIS A 226 6.97 -24.29 -7.74
N GLU A 227 8.03 -24.34 -8.51
CA GLU A 227 9.30 -24.92 -8.08
CA GLU A 227 9.27 -24.93 -8.04
C GLU A 227 10.13 -23.86 -7.38
N ILE A 228 10.74 -24.23 -6.25
CA ILE A 228 11.64 -23.34 -5.53
C ILE A 228 13.03 -23.56 -6.11
N THR A 229 13.59 -22.52 -6.72
CA THR A 229 14.88 -22.62 -7.38
C THR A 229 15.99 -22.22 -6.44
N GLN A 230 17.23 -22.56 -6.80
CA GLN A 230 18.35 -22.11 -6.01
C GLN A 230 18.41 -20.59 -5.94
N GLU A 231 17.95 -19.90 -6.99
CA GLU A 231 17.91 -18.45 -6.96
C GLU A 231 16.88 -17.95 -5.96
N ASP A 232 15.79 -18.71 -5.73
CA ASP A 232 14.82 -18.35 -4.70
C ASP A 232 15.38 -18.63 -3.31
N MET A 233 16.19 -19.69 -3.18
CA MET A 233 16.77 -20.02 -1.88
C MET A 233 17.75 -18.97 -1.42
N GLY A 234 18.62 -18.51 -2.33
CA GLY A 234 19.78 -17.74 -1.91
C GLY A 234 20.74 -18.63 -1.15
N SER A 235 21.77 -17.98 -0.59
CA SER A 235 22.82 -18.69 0.15
C SER A 235 22.38 -18.92 1.60
N VAL A 236 21.52 -19.91 1.79
CA VAL A 236 21.03 -20.24 3.13
C VAL A 236 22.10 -20.97 3.92
N PRO A 237 22.09 -20.87 5.25
CA PRO A 237 23.12 -21.51 6.07
C PRO A 237 22.84 -22.98 6.26
N PRO A 238 23.83 -23.75 6.67
CA PRO A 238 23.61 -25.17 6.94
C PRO A 238 22.48 -25.38 7.93
N GLY A 239 21.61 -26.33 7.61
CA GLY A 239 20.48 -26.65 8.46
C GLY A 239 19.19 -25.94 8.10
N TYR A 240 19.22 -25.03 7.13
CA TYR A 240 18.05 -24.24 6.77
C TYR A 240 17.58 -24.58 5.35
N GLU A 241 17.62 -25.86 5.01
CA GLU A 241 17.22 -26.34 3.69
CA GLU A 241 17.20 -26.29 3.68
C GLU A 241 15.77 -26.80 3.63
N ASN A 242 15.14 -27.04 4.79
CA ASN A 242 13.74 -27.47 4.84
C ASN A 242 12.85 -26.26 4.64
N VAL A 243 12.13 -26.21 3.52
CA VAL A 243 11.26 -25.08 3.20
C VAL A 243 9.80 -25.35 3.50
N GLY A 244 9.45 -26.56 3.95
CA GLY A 244 8.06 -26.86 4.24
C GLY A 244 7.18 -26.64 3.03
N GLY A 245 6.08 -25.91 3.23
CA GLY A 245 5.13 -25.65 2.16
C GLY A 245 5.37 -24.34 1.44
N ALA A 246 6.64 -23.92 1.42
CA ALA A 246 6.99 -22.61 0.86
C ALA A 246 6.57 -22.44 -0.60
N ARG A 247 6.34 -23.53 -1.32
CA ARG A 247 5.94 -23.38 -2.72
C ARG A 247 4.58 -22.71 -2.87
N TYR A 248 3.82 -22.56 -1.78
CA TYR A 248 2.53 -21.90 -1.83
C TYR A 248 2.62 -20.39 -1.62
N GLN A 249 3.82 -19.84 -1.41
CA GLN A 249 4.00 -18.40 -1.24
C GLN A 249 4.69 -17.86 -2.48
N VAL A 250 3.98 -17.03 -3.25
CA VAL A 250 4.44 -16.68 -4.60
C VAL A 250 4.21 -15.20 -4.92
N GLY A 251 4.34 -14.33 -3.93
CA GLY A 251 4.13 -12.91 -4.17
C GLY A 251 5.17 -12.30 -5.09
N CYS A 252 4.76 -11.21 -5.75
CA CYS A 252 5.69 -10.44 -6.56
C CYS A 252 5.21 -9.00 -6.70
N ILE A 253 6.16 -8.12 -7.02
CA ILE A 253 5.88 -6.73 -7.35
C ILE A 253 5.86 -6.65 -8.86
N GLY A 254 4.67 -6.45 -9.42
CA GLY A 254 4.50 -6.39 -10.86
C GLY A 254 4.76 -5.01 -11.42
N LEU A 255 4.97 -4.97 -12.74
CA LEU A 255 5.25 -3.76 -13.49
C LEU A 255 4.47 -3.81 -14.79
N ALA A 256 3.95 -2.66 -15.22
CA ALA A 256 3.36 -2.52 -16.55
C ALA A 256 3.73 -1.14 -17.08
N VAL A 257 3.68 -1.01 -18.41
CA VAL A 257 4.07 0.24 -19.08
C VAL A 257 2.94 0.66 -20.00
N ALA A 258 2.61 1.94 -19.98
CA ALA A 258 1.56 2.49 -20.82
C ALA A 258 2.06 2.74 -22.24
N LYS A 259 1.14 2.58 -23.20
CA LYS A 259 1.48 2.82 -24.60
C LYS A 259 1.81 4.27 -24.86
N ASP A 260 1.16 5.20 -24.15
CA ASP A 260 1.55 6.59 -24.15
C ASP A 260 1.14 7.20 -22.81
N LEU A 261 1.42 8.49 -22.64
CA LEU A 261 1.27 9.15 -21.36
C LEU A 261 -0.17 9.38 -20.94
N SER A 262 -1.15 9.05 -21.79
CA SER A 262 -2.54 9.10 -21.35
C SER A 262 -2.87 7.98 -20.37
N GLY A 263 -2.10 6.90 -20.40
CA GLY A 263 -2.34 5.78 -19.51
C GLY A 263 -3.63 5.04 -19.76
N ASP A 264 -4.10 5.00 -21.00
CA ASP A 264 -5.34 4.30 -21.31
C ASP A 264 -5.12 2.88 -21.81
N GLU A 265 -3.89 2.54 -22.19
CA GLU A 265 -3.54 1.20 -22.65
C GLU A 265 -2.22 0.79 -22.03
N TRP A 266 -2.14 -0.46 -21.58
CA TRP A 266 -1.01 -0.94 -20.80
C TRP A 266 -0.49 -2.25 -21.34
N GLU A 267 0.83 -2.43 -21.23
CA GLU A 267 1.53 -3.66 -21.57
C GLU A 267 2.11 -4.25 -20.28
N ILE A 268 1.69 -5.47 -19.96
CA ILE A 268 2.16 -6.16 -18.76
C ILE A 268 3.61 -6.59 -18.96
N LEU A 269 4.46 -6.31 -17.96
CA LEU A 269 5.89 -6.63 -18.03
C LEU A 269 6.29 -7.60 -16.92
N PRO A 270 7.50 -8.17 -16.96
CA PRO A 270 7.91 -9.07 -15.88
C PRO A 270 8.03 -8.30 -14.58
N PRO A 271 7.86 -8.98 -13.44
CA PRO A 271 7.91 -8.29 -12.15
C PRO A 271 9.32 -7.82 -11.83
N LEU A 272 9.38 -6.80 -10.97
CA LEU A 272 10.68 -6.30 -10.52
C LEU A 272 11.26 -7.14 -9.39
N ILE A 273 10.39 -7.60 -8.47
CA ILE A 273 10.77 -8.40 -7.32
C ILE A 273 9.87 -9.62 -7.29
N THR A 274 10.45 -10.78 -7.01
CA THR A 274 9.67 -11.98 -6.77
C THR A 274 10.03 -12.55 -5.40
N ALA A 275 9.04 -13.15 -4.73
CA ALA A 275 9.23 -13.68 -3.38
C ALA A 275 8.75 -15.13 -3.30
N VAL A 276 8.97 -15.90 -4.37
CA VAL A 276 8.59 -17.30 -4.38
C VAL A 276 9.37 -18.03 -3.29
N GLY A 277 8.65 -18.81 -2.47
CA GLY A 277 9.25 -19.49 -1.35
C GLY A 277 9.52 -18.62 -0.15
N VAL A 278 9.09 -17.36 -0.18
CA VAL A 278 9.41 -16.40 0.88
C VAL A 278 8.16 -15.74 1.44
N ASN A 279 7.35 -15.13 0.58
CA ASN A 279 6.16 -14.47 1.11
C ASN A 279 5.09 -14.39 0.02
N ASP A 280 3.84 -14.63 0.40
CA ASP A 280 2.79 -14.61 -0.59
C ASP A 280 2.30 -13.21 -0.94
N GLN A 281 2.58 -12.21 -0.10
CA GLN A 281 1.98 -10.88 -0.27
C GLN A 281 3.03 -9.77 -0.21
N THR A 282 3.37 -9.23 -1.38
CA THR A 282 4.12 -7.98 -1.49
C THR A 282 3.11 -6.91 -1.88
N GLU A 283 2.45 -6.35 -0.89
CA GLU A 283 1.38 -5.38 -1.10
C GLU A 283 1.77 -3.95 -1.30
N ARG A 284 0.81 -3.27 -1.87
CA ARG A 284 0.98 -1.75 -2.07
CA ARG A 284 0.94 -1.85 -2.06
C ARG A 284 2.43 -1.26 -2.43
N PRO A 285 2.95 -1.85 -3.52
CA PRO A 285 4.30 -1.41 -3.92
C PRO A 285 4.30 0.05 -4.31
N HIS A 286 5.37 0.75 -3.94
CA HIS A 286 5.49 2.17 -4.26
C HIS A 286 6.96 2.57 -4.24
N PHE A 287 7.31 3.57 -5.07
CA PHE A 287 8.67 4.06 -5.21
C PHE A 287 8.89 5.35 -4.43
N VAL A 288 10.11 5.48 -3.91
CA VAL A 288 10.73 6.78 -3.65
C VAL A 288 11.94 6.89 -4.57
N PHE A 289 12.00 7.99 -5.31
CA PHE A 289 13.15 8.30 -6.15
C PHE A 289 14.02 9.30 -5.38
N GLN A 290 15.25 8.89 -5.04
CA GLN A 290 16.11 9.73 -4.23
C GLN A 290 17.55 9.51 -4.66
N GLU A 291 18.25 10.60 -4.92
CA GLU A 291 19.67 10.58 -5.27
C GLU A 291 19.95 9.66 -6.46
N GLY A 292 19.05 9.69 -7.43
CA GLY A 292 19.19 8.86 -8.61
C GLY A 292 18.95 7.38 -8.38
N LYS A 293 18.52 7.00 -7.17
CA LYS A 293 18.26 5.61 -6.85
C LYS A 293 16.76 5.31 -6.89
N TYR A 294 16.45 4.04 -7.06
CA TYR A 294 15.08 3.52 -7.08
C TYR A 294 14.87 2.78 -5.77
N TYR A 295 14.12 3.39 -4.85
CA TYR A 295 13.76 2.78 -3.57
C TYR A 295 12.38 2.19 -3.73
N LEU A 296 12.29 0.87 -3.74
CA LEU A 296 11.04 0.14 -3.99
C LEU A 296 10.55 -0.46 -2.67
N PHE A 297 9.40 0.04 -2.19
CA PHE A 297 8.80 -0.37 -0.94
C PHE A 297 7.57 -1.22 -1.18
N THR A 298 7.32 -2.13 -0.23
CA THR A 298 6.16 -3.01 -0.26
C THR A 298 5.82 -3.38 1.17
N ILE A 299 4.53 -3.69 1.39
N ILE A 299 4.53 -3.59 1.43
CA ILE A 299 3.98 -3.95 2.71
CA ILE A 299 4.10 -3.96 2.77
C ILE A 299 3.60 -5.43 2.78
C ILE A 299 3.72 -5.43 2.76
N SER A 300 3.94 -6.08 3.90
CA SER A 300 3.66 -7.51 4.01
C SER A 300 3.30 -7.90 5.44
N HIS A 301 2.89 -9.16 5.58
CA HIS A 301 2.37 -9.72 6.82
C HIS A 301 3.32 -10.75 7.40
N LYS A 302 3.42 -10.76 8.73
CA LYS A 302 4.08 -11.85 9.42
C LYS A 302 3.57 -13.20 8.95
N TYR A 303 2.24 -13.32 8.77
CA TYR A 303 1.65 -14.62 8.55
C TYR A 303 1.47 -14.95 7.08
N THR A 304 2.02 -14.14 6.17
CA THR A 304 2.16 -14.55 4.79
C THR A 304 3.58 -14.97 4.44
N PHE A 305 4.50 -15.01 5.41
CA PHE A 305 5.80 -15.62 5.19
C PHE A 305 5.68 -17.13 5.04
N ALA A 306 6.57 -17.69 4.23
CA ALA A 306 6.67 -19.13 4.05
C ALA A 306 7.16 -19.82 5.33
N ASP A 307 6.95 -21.13 5.37
CA ASP A 307 7.41 -21.93 6.51
C ASP A 307 8.89 -21.69 6.80
N ASN A 308 9.23 -21.69 8.09
CA ASN A 308 10.60 -21.61 8.58
C ASN A 308 11.25 -20.26 8.23
N LEU A 309 10.43 -19.27 7.89
CA LEU A 309 10.81 -17.87 7.83
C LEU A 309 9.81 -17.07 8.65
N THR A 310 10.22 -15.88 9.09
CA THR A 310 9.25 -14.98 9.69
C THR A 310 9.78 -13.55 9.66
N GLY A 311 8.86 -12.61 9.90
CA GLY A 311 9.15 -11.21 10.00
C GLY A 311 7.92 -10.49 10.52
N PRO A 312 8.07 -9.23 10.90
CA PRO A 312 6.92 -8.47 11.40
C PRO A 312 6.07 -7.90 10.26
N ASP A 313 4.82 -7.62 10.59
CA ASP A 313 4.01 -6.76 9.73
C ASP A 313 4.72 -5.43 9.54
N GLY A 314 4.67 -4.90 8.34
CA GLY A 314 5.27 -3.60 8.11
C GLY A 314 5.74 -3.46 6.68
N VAL A 315 6.60 -2.49 6.48
CA VAL A 315 7.08 -2.17 5.14
C VAL A 315 8.49 -2.73 4.96
N TYR A 316 8.68 -3.38 3.83
CA TYR A 316 9.93 -3.93 3.37
C TYR A 316 10.37 -3.12 2.15
N GLY A 317 11.64 -3.20 1.79
CA GLY A 317 12.12 -2.37 0.72
C GLY A 317 13.37 -2.90 0.06
N PHE A 318 13.61 -2.39 -1.14
CA PHE A 318 14.72 -2.78 -2.01
C PHE A 318 15.22 -1.54 -2.73
N VAL A 319 16.51 -1.53 -3.08
CA VAL A 319 17.07 -0.36 -3.75
C VAL A 319 17.90 -0.81 -4.94
N SER A 320 17.83 -0.02 -6.02
CA SER A 320 18.59 -0.28 -7.24
C SER A 320 19.01 1.04 -7.87
N ASN A 321 20.07 0.97 -8.69
CA ASN A 321 20.46 2.11 -9.52
C ASN A 321 19.65 2.23 -10.81
N GLN A 322 18.94 1.18 -11.21
CA GLN A 322 18.17 1.14 -12.44
C GLN A 322 16.75 0.66 -12.15
N LEU A 323 15.79 1.12 -12.96
CA LEU A 323 14.40 0.74 -12.77
C LEU A 323 14.24 -0.77 -12.71
N THR A 324 14.88 -1.50 -13.63
CA THR A 324 14.64 -2.93 -13.77
C THR A 324 15.65 -3.78 -13.02
N GLY A 325 16.43 -3.18 -12.11
CA GLY A 325 17.29 -3.94 -11.24
C GLY A 325 18.73 -3.96 -11.70
N PRO A 326 19.60 -4.70 -10.99
CA PRO A 326 19.24 -5.54 -9.86
C PRO A 326 18.99 -4.77 -8.58
N TYR A 327 18.02 -5.24 -7.82
CA TYR A 327 17.69 -4.68 -6.53
C TYR A 327 18.43 -5.38 -5.43
N THR A 328 18.81 -4.63 -4.44
CA THR A 328 19.38 -5.20 -3.15
CA THR A 328 19.24 -5.32 -3.11
C THR A 328 18.42 -4.87 -1.79
N PRO A 329 18.13 -5.81 -0.95
CA PRO A 329 17.20 -5.52 0.13
C PRO A 329 17.71 -4.47 1.08
N MET A 330 16.81 -3.60 1.47
CA MET A 330 17.13 -2.55 2.42
C MET A 330 17.49 -3.16 3.77
N ASN A 331 18.47 -2.56 4.43
CA ASN A 331 18.94 -3.03 5.74
C ASN A 331 19.30 -4.53 5.70
N SER A 332 19.75 -4.98 4.52
CA SER A 332 20.26 -6.33 4.27
C SER A 332 19.17 -7.41 4.22
N SER A 333 18.15 -7.28 5.06
CA SER A 333 17.08 -8.27 5.12
C SER A 333 15.89 -7.90 4.25
N GLY A 334 15.69 -6.60 4.01
CA GLY A 334 14.49 -6.09 3.39
C GLY A 334 13.62 -5.27 4.34
N LEU A 335 13.74 -5.46 5.64
CA LEU A 335 12.83 -4.80 6.57
C LEU A 335 13.21 -3.33 6.75
N VAL A 336 12.23 -2.45 6.54
CA VAL A 336 12.40 -1.01 6.69
C VAL A 336 11.69 -0.49 7.93
N LEU A 337 10.44 -0.89 8.15
CA LEU A 337 9.72 -0.45 9.34
C LEU A 337 8.73 -1.53 9.73
N GLY A 338 9.05 -2.28 10.79
CA GLY A 338 8.18 -3.33 11.28
C GLY A 338 7.50 -2.96 12.58
N ASN A 339 6.35 -3.58 12.82
CA ASN A 339 5.66 -3.35 14.07
C ASN A 339 6.44 -3.94 15.24
N PRO A 340 6.30 -3.37 16.43
CA PRO A 340 6.94 -3.97 17.61
C PRO A 340 6.23 -5.26 18.02
N SER A 341 7.04 -6.18 18.55
CA SER A 341 6.55 -7.52 18.86
CA SER A 341 6.53 -7.51 18.85
C SER A 341 5.50 -7.51 19.97
N SER A 342 5.53 -6.51 20.86
CA SER A 342 4.52 -6.46 21.91
C SER A 342 3.17 -5.97 21.40
N GLN A 343 3.15 -5.31 20.24
CA GLN A 343 1.90 -4.87 19.61
C GLN A 343 2.01 -5.17 18.12
N PRO A 344 2.05 -6.45 17.76
CA PRO A 344 2.49 -6.82 16.39
C PRO A 344 1.52 -6.42 15.30
N PHE A 345 0.26 -6.12 15.62
CA PHE A 345 -0.72 -5.73 14.62
C PHE A 345 -1.21 -4.30 14.85
N GLN A 346 -0.42 -3.48 15.54
CA GLN A 346 -0.91 -2.15 15.89
C GLN A 346 -1.25 -1.31 14.67
N THR A 347 -0.53 -1.48 13.56
CA THR A 347 -0.76 -0.67 12.36
C THR A 347 -0.55 -1.51 11.11
N TYR A 348 -1.11 -1.05 10.00
CA TYR A 348 -0.86 -1.67 8.71
C TYR A 348 -0.97 -0.64 7.58
N SER A 349 -0.63 -1.10 6.37
CA SER A 349 -0.62 -0.31 5.15
CA SER A 349 -0.67 -0.27 5.17
C SER A 349 0.33 0.89 5.27
N HIS A 350 1.59 0.59 5.58
N HIS A 350 1.51 0.60 5.76
CA HIS A 350 2.63 1.60 5.84
CA HIS A 350 2.53 1.63 5.77
C HIS A 350 3.19 2.15 4.52
C HIS A 350 2.68 2.17 4.36
N TYR A 351 2.99 3.45 4.27
CA TYR A 351 3.25 4.09 2.98
C TYR A 351 4.35 5.11 3.18
N VAL A 352 5.48 4.86 2.52
CA VAL A 352 6.68 5.69 2.63
C VAL A 352 6.64 6.77 1.55
N MET A 353 6.69 8.02 1.96
CA MET A 353 6.67 9.15 1.06
C MET A 353 8.07 9.71 0.86
N PRO A 354 8.31 10.45 -0.23
CA PRO A 354 9.69 10.86 -0.55
C PRO A 354 10.30 11.85 0.44
N ASN A 355 9.50 12.45 1.32
CA ASN A 355 10.03 13.28 2.40
C ASN A 355 10.43 12.45 3.61
N GLY A 356 10.38 11.13 3.52
CA GLY A 356 10.74 10.28 4.62
C GLY A 356 9.62 9.96 5.57
N LEU A 357 8.46 10.61 5.43
CA LEU A 357 7.35 10.33 6.32
CA LEU A 357 7.34 10.33 6.33
C LEU A 357 6.65 9.05 5.91
N VAL A 358 6.24 8.28 6.92
CA VAL A 358 5.58 6.99 6.74
C VAL A 358 4.25 7.03 7.47
N THR A 359 3.15 6.92 6.74
CA THR A 359 1.83 6.89 7.33
C THR A 359 1.32 5.46 7.36
N SER A 360 0.45 5.18 8.33
CA SER A 360 -0.18 3.88 8.48
C SER A 360 -1.46 4.09 9.28
N PHE A 361 -2.33 3.09 9.22
CA PHE A 361 -3.56 3.11 10.00
C PHE A 361 -3.45 2.15 11.17
N ILE A 362 -4.17 2.48 12.24
CA ILE A 362 -4.20 1.64 13.44
C ILE A 362 -5.14 0.48 13.19
N ASP A 363 -4.66 -0.74 13.44
CA ASP A 363 -5.49 -1.93 13.24
C ASP A 363 -5.96 -2.49 14.58
N SER A 364 -5.11 -3.23 15.30
CA SER A 364 -5.51 -3.90 16.52
CA SER A 364 -5.51 -3.90 16.52
C SER A 364 -4.41 -3.76 17.55
N VAL A 365 -4.73 -3.19 18.71
CA VAL A 365 -3.77 -2.96 19.78
C VAL A 365 -4.17 -3.81 20.99
N PRO A 366 -3.24 -4.50 21.63
CA PRO A 366 -3.60 -5.24 22.86
C PRO A 366 -4.17 -4.28 23.91
N TRP A 367 -5.22 -4.72 24.59
CA TRP A 367 -5.92 -3.82 25.50
C TRP A 367 -5.80 -4.31 26.93
N GLU A 368 -6.60 -5.30 27.31
CA GLU A 368 -6.57 -5.87 28.65
C GLU A 368 -6.84 -7.35 28.54
N GLY A 369 -6.16 -8.12 29.39
CA GLY A 369 -6.23 -9.57 29.25
C GLY A 369 -5.88 -9.96 27.83
N GLU A 370 -6.70 -10.84 27.25
CA GLU A 370 -6.57 -11.24 25.87
C GLU A 370 -7.47 -10.44 24.95
N LYS A 371 -7.86 -9.23 25.36
CA LYS A 371 -8.72 -8.39 24.55
C LYS A 371 -7.89 -7.41 23.73
N PHE A 372 -8.53 -6.83 22.72
CA PHE A 372 -7.87 -5.94 21.78
C PHE A 372 -8.76 -4.74 21.54
N ARG A 373 -8.11 -3.61 21.21
CA ARG A 373 -8.82 -2.41 20.80
C ARG A 373 -8.58 -2.18 19.32
N ILE A 374 -9.65 -1.92 18.58
CA ILE A 374 -9.60 -1.78 17.13
C ILE A 374 -9.50 -0.30 16.77
N GLY A 375 -8.73 -0.01 15.73
CA GLY A 375 -8.48 1.35 15.32
C GLY A 375 -9.41 1.86 14.24
N GLY A 376 -9.08 1.62 12.97
CA GLY A 376 -9.85 2.24 11.90
C GLY A 376 -9.64 3.73 11.82
N THR A 377 -8.44 4.17 12.18
CA THR A 377 -8.08 5.58 12.26
C THR A 377 -6.59 5.67 11.99
N GLU A 378 -6.11 6.88 11.73
CA GLU A 378 -4.70 7.05 11.36
C GLU A 378 -3.78 6.88 12.56
N ALA A 379 -2.62 6.28 12.31
CA ALA A 379 -1.55 6.12 13.28
C ALA A 379 -0.63 7.34 13.26
N PRO A 380 0.21 7.50 14.29
CA PRO A 380 1.22 8.56 14.23
C PRO A 380 2.16 8.32 13.06
N THR A 381 2.51 9.40 12.39
CA THR A 381 3.43 9.34 11.26
C THR A 381 4.86 9.20 11.79
N VAL A 382 5.64 8.35 11.12
CA VAL A 382 7.04 8.10 11.45
C VAL A 382 7.89 8.75 10.36
N LYS A 383 9.04 9.28 10.76
CA LYS A 383 10.03 9.77 9.79
C LYS A 383 11.24 8.85 9.78
N ILE A 384 11.64 8.44 8.57
CA ILE A 384 12.85 7.66 8.37
C ILE A 384 13.77 8.41 7.42
N LEU A 385 15.06 8.10 7.56
CA LEU A 385 16.10 8.58 6.65
C LEU A 385 16.57 7.41 5.80
N LEU A 386 16.72 7.64 4.51
CA LEU A 386 17.30 6.66 3.60
C LEU A 386 18.75 7.04 3.37
N LYS A 387 19.68 6.13 3.66
CA LYS A 387 21.11 6.33 3.45
C LYS A 387 21.64 5.11 2.72
N GLY A 388 21.90 5.25 1.43
CA GLY A 388 22.34 4.10 0.65
C GLY A 388 21.29 3.01 0.70
N ASP A 389 21.71 1.81 1.09
CA ASP A 389 20.79 0.67 1.22
C ASP A 389 20.37 0.43 2.67
N ARG A 390 20.37 1.47 3.50
CA ARG A 390 19.92 1.35 4.88
C ARG A 390 18.91 2.44 5.20
N SER A 391 18.12 2.22 6.25
CA SER A 391 17.16 3.22 6.70
C SER A 391 17.22 3.33 8.22
N PHE A 392 16.80 4.49 8.73
CA PHE A 392 16.85 4.81 10.15
C PHE A 392 15.61 5.58 10.56
N VAL A 393 14.88 5.09 11.56
CA VAL A 393 13.82 5.86 12.20
C VAL A 393 14.45 7.03 12.96
N VAL A 394 13.96 8.23 12.73
CA VAL A 394 14.55 9.42 13.34
C VAL A 394 13.55 10.33 14.03
N ASP A 395 12.25 10.22 13.79
CA ASP A 395 11.31 11.13 14.44
C ASP A 395 9.90 10.56 14.33
N SER A 396 8.99 11.15 15.10
CA SER A 396 7.59 10.77 15.12
CA SER A 396 7.59 10.76 15.15
C SER A 396 6.74 12.03 15.16
N PHE A 397 5.56 11.97 14.54
CA PHE A 397 4.65 13.11 14.48
C PHE A 397 3.22 12.74 14.89
N ASP A 398 2.30 13.68 14.77
CA ASP A 398 0.93 13.50 15.22
CA ASP A 398 0.93 13.50 15.22
C ASP A 398 0.22 12.42 14.40
N TYR A 399 -0.89 11.93 14.95
CA TYR A 399 -1.74 10.98 14.23
C TYR A 399 -2.12 11.53 12.86
N GLY A 400 -1.90 10.71 11.83
CA GLY A 400 -2.34 11.07 10.50
C GLY A 400 -1.70 12.31 9.91
N TYR A 401 -0.51 12.68 10.36
CA TYR A 401 0.15 13.87 9.83
C TYR A 401 0.72 13.51 8.46
N ILE A 402 0.11 14.05 7.39
CA ILE A 402 0.51 13.76 6.03
C ILE A 402 0.57 15.08 5.27
N PRO A 403 1.61 15.88 5.49
CA PRO A 403 1.72 17.17 4.81
C PRO A 403 2.14 17.03 3.36
N ALA A 404 1.94 18.10 2.62
CA ALA A 404 2.39 18.13 1.23
C ALA A 404 3.86 18.52 1.15
N MET A 405 4.48 18.10 0.05
CA MET A 405 5.84 18.49 -0.27
C MET A 405 5.90 19.73 -1.15
N LYS A 406 4.89 19.92 -1.97
CA LYS A 406 4.77 21.11 -2.80
CA LYS A 406 4.77 21.10 -2.82
CA LYS A 406 4.77 21.09 -2.83
C LYS A 406 3.30 21.47 -2.94
N ASP A 407 3.04 22.77 -3.17
CA ASP A 407 1.69 23.28 -3.35
C ASP A 407 1.50 23.68 -4.81
N ILE A 408 0.37 23.26 -5.38
CA ILE A 408 0.02 23.55 -6.76
C ILE A 408 -1.09 24.59 -6.74
N ILE A 409 -0.80 25.75 -7.33
CA ILE A 409 -1.79 26.80 -7.57
C ILE A 409 -2.58 26.44 -8.83
N LEU A 410 -3.89 26.30 -8.69
CA LEU A 410 -4.70 25.97 -9.86
C LEU A 410 -4.86 27.19 -10.76
N LYS A 411 -4.87 26.94 -12.06
CA LYS A 411 -4.99 28.00 -13.05
C LYS A 411 -6.41 28.51 -13.14
C1 GOL B . 3.00 19.74 12.75
O1 GOL B . 1.75 20.37 12.64
C2 GOL B . 2.95 18.73 13.88
O2 GOL B . 1.64 18.66 14.39
C3 GOL B . 3.34 17.35 13.37
O3 GOL B . 3.05 16.40 14.37
H11 GOL B . 3.79 20.48 12.95
H12 GOL B . 3.24 19.24 11.81
HO1 GOL B . 1.80 21.07 11.95
H2 GOL B . 3.64 19.04 14.67
HO2 GOL B . 1.02 18.37 13.68
H31 GOL B . 4.41 17.34 13.14
H32 GOL B . 2.79 17.13 12.46
HO3 GOL B . 3.30 16.76 15.25
C1 GOL C . -6.68 -3.36 1.45
O1 GOL C . -5.54 -3.23 0.65
C2 GOL C . -7.30 -4.74 1.22
O2 GOL C . -6.41 -5.74 1.66
C3 GOL C . -8.59 -4.86 2.02
O3 GOL C . -9.52 -3.89 1.63
H11 GOL C . -7.41 -2.59 1.20
H12 GOL C . -6.42 -3.25 2.50
HO1 GOL C . -5.18 -2.33 0.73
H2 GOL C . -7.51 -4.86 0.16
HO2 GOL C . -6.23 -5.62 2.61
H31 GOL C . -8.36 -4.75 3.07
H32 GOL C . -9.01 -5.85 1.86
HO3 GOL C . -9.20 -2.99 1.91
C1 GOL D . -0.70 -18.97 0.38
O1 GOL D . -0.16 -18.74 1.65
C2 GOL D . -2.21 -18.96 0.51
O2 GOL D . -2.64 -20.25 0.90
C3 GOL D . -2.87 -18.53 -0.79
O3 GOL D . -2.54 -19.41 -1.83
H11 GOL D . -0.38 -19.94 -0.01
H12 GOL D . -0.39 -18.19 -0.32
HO1 GOL D . 0.82 -18.80 1.61
H2 GOL D . -2.48 -18.24 1.29
HO2 GOL D . -3.61 -20.24 1.02
H31 GOL D . -2.53 -17.53 -1.05
H32 GOL D . -3.95 -18.50 -0.67
HO3 GOL D . -2.36 -18.91 -2.65
C1 GOL E . 0.79 21.54 4.73
O1 GOL E . 1.55 21.03 3.65
C2 GOL E . 1.65 21.80 5.95
O2 GOL E . 3.02 21.69 5.63
C3 GOL E . 1.37 23.19 6.49
O3 GOL E . 1.97 24.15 5.63
H11 GOL E . 0.00 20.83 4.98
H12 GOL E . 0.31 22.48 4.42
HO1 GOL E . 0.96 20.82 2.91
H2 GOL E . 1.40 21.07 6.73
HO2 GOL E . 3.26 22.36 4.96
H31 GOL E . 1.78 23.29 7.49
H32 GOL E . 0.30 23.36 6.54
HO3 GOL E . 1.99 25.01 6.08
C1 GOL F . -11.87 -10.90 -1.63
O1 GOL F . -12.30 -12.02 -2.38
C2 GOL F . -13.04 -9.96 -1.36
O2 GOL F . -14.20 -10.43 -2.01
C3 GOL F . -13.26 -9.88 0.15
O3 GOL F . -14.10 -8.79 0.48
H11 GOL F . -11.09 -10.37 -2.19
H12 GOL F . -11.44 -11.23 -0.69
HO1 GOL F . -11.54 -12.58 -2.60
H2 GOL F . -12.78 -8.96 -1.73
HO2 GOL F . -14.43 -11.31 -1.68
H31 GOL F . -12.30 -9.75 0.65
H32 GOL F . -13.70 -10.80 0.51
HO3 GOL F . -14.20 -8.75 1.45
C1 GOL G . 15.09 7.67 -10.19
O1 GOL G . 15.70 8.15 -8.98
C2 GOL G . 14.52 8.80 -11.03
O2 GOL G . 15.66 9.56 -11.30
C3 GOL G . 13.77 8.45 -12.34
O3 GOL G . 12.70 9.39 -12.74
H11 GOL G . 14.29 6.98 -9.93
H12 GOL G . 15.83 7.12 -10.77
HO1 GOL G . 16.00 7.41 -8.44
H2 GOL G . 13.84 9.38 -10.39
HO2 GOL G . 16.39 9.28 -10.73
H31 GOL G . 13.32 7.46 -12.23
H32 GOL G . 14.50 8.39 -13.15
HO3 GOL G . 11.86 8.93 -12.78
C1 GOL H . -18.93 4.98 2.56
O1 GOL H . -18.42 3.71 2.92
C2 GOL H . -19.30 5.74 3.82
O2 GOL H . -18.53 5.24 4.88
C3 GOL H . -19.04 7.23 3.63
O3 GOL H . -19.62 7.67 2.43
H11 GOL H . -19.80 4.86 1.91
H12 GOL H . -18.16 5.53 2.00
HO1 GOL H . -18.23 3.18 2.12
H2 GOL H . -20.36 5.59 4.02
HO2 GOL H . -17.58 5.39 4.71
H31 GOL H . -17.96 7.42 3.61
H32 GOL H . -19.46 7.78 4.47
HO3 GOL H . -19.51 8.64 2.34
ZN ZN I . -2.05 23.85 -16.82
ZN ZN J . 6.98 16.12 -8.34
ZN ZN K . -0.52 -9.00 9.22
#